data_4ERC
#
_entry.id   4ERC
#
_cell.length_a   32.992
_cell.length_b   79.970
_cell.length_c   99.718
_cell.angle_alpha   90.00
_cell.angle_beta   90.00
_cell.angle_gamma   90.00
#
_symmetry.space_group_name_H-M   'P 21 21 21'
#
loop_
_entity.id
_entity.type
_entity.pdbx_description
1 polymer 'Dual specificity protein phosphatase 23'
2 non-polymer oxido(dioxo)vanadium
3 water water
#
_entity_poly.entity_id   1
_entity_poly.type   'polypeptide(L)'
_entity_poly.pdbx_seq_one_letter_code
;MGVQPPNFSWVLPGRLAGLALPRLPAHYQFLLDLGVRHLVSLTERGPPHSDSCPGLTLHRLRIPDFCPPAPDQIDRFVQI
VDEANARGEAVGVHCALGFGRTGTMLACYLVKERGLAAGDAIAEIRRLRPGSIETYEQEKAVFQFYQRTK
;
_entity_poly.pdbx_strand_id   A,B
#
# COMPACT_ATOMS: atom_id res chain seq x y z
N MET A 1 17.43 2.60 -12.15
CA MET A 1 17.68 2.40 -10.69
C MET A 1 17.23 3.60 -9.88
N GLY A 2 16.42 3.36 -8.86
CA GLY A 2 16.00 4.41 -7.95
C GLY A 2 16.46 4.17 -6.52
N VAL A 3 16.37 5.21 -5.73
CA VAL A 3 16.64 5.15 -4.29
C VAL A 3 15.41 5.72 -3.59
N GLN A 4 14.87 4.97 -2.64
CA GLN A 4 13.66 5.39 -1.96
C GLN A 4 13.92 6.72 -1.24
N PRO A 5 13.06 7.73 -1.48
CA PRO A 5 13.27 8.99 -0.76
C PRO A 5 12.93 8.87 0.73
N PRO A 6 13.39 9.83 1.53
CA PRO A 6 13.15 9.73 2.98
C PRO A 6 11.67 9.81 3.33
N ASN A 7 11.31 9.07 4.38
CA ASN A 7 9.96 9.07 4.95
C ASN A 7 8.89 8.78 3.90
N PHE A 8 9.18 7.84 3.00
CA PHE A 8 8.25 7.46 1.94
C PHE A 8 7.35 6.33 2.39
N SER A 9 6.05 6.46 2.17
CA SER A 9 5.17 5.31 2.29
C SER A 9 3.88 5.52 1.53
N TRP A 10 3.28 4.41 1.13
CA TRP A 10 1.97 4.46 0.49
C TRP A 10 0.86 4.70 1.51
N VAL A 11 -0.10 5.55 1.15
CA VAL A 11 -1.36 5.66 1.87
C VAL A 11 -2.43 4.86 1.13
N LEU A 12 -2.55 5.06 -0.19
CA LEU A 12 -3.37 4.22 -1.06
C LEU A 12 -2.39 3.50 -1.98
N PRO A 13 -2.18 2.18 -1.77
CA PRO A 13 -1.09 1.52 -2.50
C PRO A 13 -1.23 1.65 -4.03
N GLY A 14 -0.14 2.05 -4.69
CA GLY A 14 -0.15 2.25 -6.12
C GLY A 14 -0.87 3.51 -6.62
N ARG A 15 -1.35 4.34 -5.68
CA ARG A 15 -2.14 5.51 -6.00
C ARG A 15 -1.67 6.80 -5.34
N LEU A 16 -1.36 6.76 -4.05
CA LEU A 16 -1.07 7.98 -3.28
C LEU A 16 -0.07 7.69 -2.18
N ALA A 17 1.06 8.40 -2.21
CA ALA A 17 2.14 8.26 -1.24
C ALA A 17 2.51 9.61 -0.62
N GLY A 18 3.04 9.56 0.59
CA GLY A 18 3.70 10.70 1.20
C GLY A 18 5.20 10.50 1.29
N LEU A 19 5.94 11.62 1.36
CA LEU A 19 7.39 11.56 1.55
C LEU A 19 7.88 12.88 2.12
N ALA A 20 9.07 12.83 2.72
CA ALA A 20 9.84 14.04 3.03
C ALA A 20 10.45 14.59 1.74
N LEU A 21 11.26 15.62 1.88
CA LEU A 21 11.81 16.32 0.71
C LEU A 21 12.67 15.39 -0.14
N PRO A 22 12.31 15.18 -1.42
CA PRO A 22 13.22 14.45 -2.30
C PRO A 22 14.36 15.39 -2.71
N ARG A 23 15.54 14.85 -3.00
CA ARG A 23 16.68 15.72 -3.19
C ARG A 23 17.85 15.11 -3.98
N LEU A 24 17.62 13.97 -4.63
CA LEU A 24 18.60 13.36 -5.52
C LEU A 24 17.89 12.86 -6.75
N PRO A 25 18.59 12.89 -7.91
CA PRO A 25 17.97 12.32 -9.11
C PRO A 25 17.38 10.91 -8.90
N ALA A 26 18.07 10.06 -8.16
CA ALA A 26 17.60 8.70 -7.94
C ALA A 26 16.30 8.65 -7.11
N HIS A 27 16.01 9.68 -6.30
CA HIS A 27 14.72 9.72 -5.58
C HIS A 27 13.56 9.87 -6.58
N TYR A 28 13.75 10.73 -7.58
CA TYR A 28 12.72 10.93 -8.59
C TYR A 28 12.59 9.70 -9.48
N GLN A 29 13.71 9.05 -9.80
CA GLN A 29 13.64 7.82 -10.58
C GLN A 29 12.88 6.74 -9.81
N PHE A 30 13.10 6.65 -8.50
CA PHE A 30 12.34 5.71 -7.67
C PHE A 30 10.84 5.97 -7.80
N LEU A 31 10.44 7.22 -7.68
CA LEU A 31 9.03 7.57 -7.82
C LEU A 31 8.49 7.10 -9.18
N LEU A 32 9.21 7.40 -10.24
CA LEU A 32 8.79 6.97 -11.58
C LEU A 32 8.67 5.45 -11.65
N ASP A 33 9.63 4.74 -11.08
CA ASP A 33 9.65 3.27 -11.07
C ASP A 33 8.42 2.70 -10.36
N LEU A 34 7.91 3.42 -9.35
CA LEU A 34 6.74 3.00 -8.59
C LEU A 34 5.44 3.52 -9.17
N GLY A 35 5.51 4.03 -10.40
CA GLY A 35 4.34 4.46 -11.14
C GLY A 35 3.84 5.87 -10.82
N VAL A 36 4.59 6.61 -10.02
CA VAL A 36 4.23 7.99 -9.73
C VAL A 36 4.57 8.87 -10.95
N ARG A 37 3.61 9.66 -11.39
CA ARG A 37 3.84 10.59 -12.49
C ARG A 37 3.61 12.06 -12.09
N HIS A 38 3.18 12.27 -10.85
CA HIS A 38 2.86 13.59 -10.33
C HIS A 38 3.39 13.71 -8.92
N LEU A 39 4.08 14.80 -8.65
CA LEU A 39 4.60 15.09 -7.32
C LEU A 39 4.04 16.43 -6.88
N VAL A 40 3.24 16.43 -5.82
CA VAL A 40 2.69 17.64 -5.26
C VAL A 40 3.67 18.11 -4.18
N SER A 41 4.20 19.31 -4.41
CA SER A 41 5.27 19.88 -3.57
CA SER A 41 5.27 19.87 -3.61
C SER A 41 4.72 21.04 -2.79
N LEU A 42 4.81 20.94 -1.46
CA LEU A 42 4.19 21.92 -0.58
C LEU A 42 5.16 22.95 0.01
N THR A 43 6.45 22.79 -0.30
CA THR A 43 7.50 23.62 0.26
C THR A 43 7.64 24.99 -0.40
N GLU A 44 8.31 25.87 0.31
CA GLU A 44 8.52 27.25 -0.12
C GLU A 44 9.66 27.39 -1.13
N ARG A 45 10.51 26.38 -1.21
CA ARG A 45 11.63 26.32 -2.15
C ARG A 45 11.60 24.93 -2.76
N GLY A 46 11.83 24.87 -4.07
CA GLY A 46 11.50 23.67 -4.82
C GLY A 46 12.47 22.61 -4.39
N PRO A 47 12.07 21.33 -4.54
CA PRO A 47 13.03 20.38 -4.04
C PRO A 47 14.22 20.24 -5.00
N PRO A 48 15.39 19.93 -4.45
CA PRO A 48 16.58 19.82 -5.31
C PRO A 48 16.46 18.73 -6.36
N HIS A 49 17.00 19.03 -7.54
CA HIS A 49 17.18 18.08 -8.63
C HIS A 49 15.90 17.63 -9.32
N SER A 50 14.78 18.28 -9.08
CA SER A 50 13.58 17.83 -9.75
C SER A 50 13.74 17.98 -11.27
N ASP A 51 14.51 18.97 -11.71
CA ASP A 51 14.67 19.21 -13.14
C ASP A 51 15.44 18.09 -13.86
N SER A 52 16.05 17.17 -13.11
CA SER A 52 16.72 16.00 -13.69
C SER A 52 15.71 14.94 -14.17
N CYS A 53 14.43 15.13 -13.86
CA CYS A 53 13.41 14.12 -14.13
C CYS A 53 12.18 14.72 -14.81
N PRO A 54 12.30 15.06 -16.09
CA PRO A 54 11.18 15.63 -16.86
C PRO A 54 9.91 14.79 -16.91
N GLY A 55 10.01 13.47 -16.77
CA GLY A 55 8.84 12.59 -16.85
C GLY A 55 7.90 12.68 -15.66
N LEU A 56 8.37 13.34 -14.61
CA LEU A 56 7.58 13.56 -13.42
C LEU A 56 7.08 15.00 -13.44
N THR A 57 5.77 15.20 -13.32
CA THR A 57 5.20 16.54 -13.29
C THR A 57 5.09 17.02 -11.85
N LEU A 58 5.71 18.16 -11.54
CA LEU A 58 5.60 18.77 -10.22
C LEU A 58 4.43 19.76 -10.20
N HIS A 59 3.73 19.77 -9.08
CA HIS A 59 2.63 20.70 -8.82
C HIS A 59 2.95 21.42 -7.54
N ARG A 60 3.37 22.68 -7.64
CA ARG A 60 3.87 23.40 -6.48
C ARG A 60 2.77 24.24 -5.87
N LEU A 61 2.34 23.83 -4.68
CA LEU A 61 1.29 24.50 -3.93
C LEU A 61 1.94 24.99 -2.65
N ARG A 62 2.40 26.24 -2.64
CA ARG A 62 3.22 26.72 -1.53
C ARG A 62 2.41 26.85 -0.26
N ILE A 63 2.86 26.20 0.80
CA ILE A 63 2.24 26.33 2.11
C ILE A 63 3.35 26.68 3.10
N PRO A 64 3.19 27.76 3.89
CA PRO A 64 4.26 28.04 4.86
C PRO A 64 4.37 26.89 5.87
N ASP A 65 5.58 26.58 6.31
CA ASP A 65 5.73 25.48 7.25
C ASP A 65 4.90 25.75 8.51
N PHE A 66 4.36 24.69 9.09
CA PHE A 66 3.51 24.75 10.28
C PHE A 66 2.21 25.49 10.06
N CYS A 67 1.76 25.57 8.82
CA CYS A 67 0.47 26.16 8.45
C CYS A 67 -0.35 25.13 7.67
N PRO A 68 -1.67 25.35 7.62
CA PRO A 68 -2.53 24.44 6.86
C PRO A 68 -2.60 24.78 5.37
N PRO A 69 -2.91 23.78 4.53
CA PRO A 69 -3.33 24.11 3.16
C PRO A 69 -4.61 24.92 3.20
N ALA A 70 -4.73 25.85 2.27
CA ALA A 70 -5.97 26.60 2.10
C ALA A 70 -6.99 25.78 1.31
N PRO A 71 -8.27 26.18 1.36
CA PRO A 71 -9.30 25.38 0.67
C PRO A 71 -9.03 25.17 -0.83
N ASP A 72 -8.55 26.18 -1.56
CA ASP A 72 -8.27 25.99 -2.96
C ASP A 72 -7.15 24.97 -3.18
N GLN A 73 -6.20 24.92 -2.26
CA GLN A 73 -5.05 24.01 -2.37
C GLN A 73 -5.48 22.57 -2.12
N ILE A 74 -6.34 22.38 -1.11
CA ILE A 74 -6.93 21.05 -0.87
C ILE A 74 -7.70 20.59 -2.12
N ASP A 75 -8.55 21.46 -2.66
CA ASP A 75 -9.32 21.09 -3.84
C ASP A 75 -8.42 20.73 -5.03
N ARG A 76 -7.36 21.52 -5.25
CA ARG A 76 -6.46 21.24 -6.35
C ARG A 76 -5.74 19.89 -6.14
N PHE A 77 -5.27 19.63 -4.92
CA PHE A 77 -4.62 18.37 -4.59
C PHE A 77 -5.55 17.19 -4.87
N VAL A 78 -6.79 17.29 -4.39
CA VAL A 78 -7.76 16.23 -4.62
C VAL A 78 -7.99 15.99 -6.12
N GLN A 79 -8.08 17.08 -6.89
CA GLN A 79 -8.23 16.97 -8.33
C GLN A 79 -7.03 16.25 -8.97
N ILE A 80 -5.82 16.62 -8.57
CA ILE A 80 -4.61 16.03 -9.13
C ILE A 80 -4.62 14.52 -8.87
N VAL A 81 -4.93 14.09 -7.65
CA VAL A 81 -4.93 12.66 -7.32
C VAL A 81 -6.06 11.94 -8.07
N ASP A 82 -7.27 12.50 -8.07
CA ASP A 82 -8.38 11.88 -8.77
C ASP A 82 -8.02 11.66 -10.24
N GLU A 83 -7.51 12.70 -10.90
CA GLU A 83 -7.28 12.64 -12.34
C GLU A 83 -6.10 11.73 -12.69
N ALA A 84 -5.03 11.82 -11.91
CA ALA A 84 -3.89 10.93 -12.13
C ALA A 84 -4.29 9.48 -11.93
N ASN A 85 -4.96 9.19 -10.81
CA ASN A 85 -5.33 7.82 -10.53
C ASN A 85 -6.27 7.26 -11.62
N ALA A 86 -7.14 8.11 -12.17
CA ALA A 86 -8.02 7.67 -13.26
C ALA A 86 -7.24 7.35 -14.54
N ARG A 87 -6.04 7.91 -14.68
CA ARG A 87 -5.13 7.63 -15.78
C ARG A 87 -4.16 6.49 -15.44
N GLY A 88 -4.37 5.80 -14.32
CA GLY A 88 -3.43 4.77 -13.89
C GLY A 88 -2.06 5.29 -13.46
N GLU A 89 -2.04 6.50 -12.94
CA GLU A 89 -0.81 7.13 -12.46
C GLU A 89 -0.92 7.41 -10.97
N ALA A 90 0.16 7.15 -10.25
CA ALA A 90 0.23 7.47 -8.84
C ALA A 90 0.70 8.91 -8.61
N VAL A 91 0.45 9.37 -7.39
CA VAL A 91 0.82 10.71 -6.96
C VAL A 91 1.58 10.62 -5.64
N GLY A 92 2.66 11.39 -5.54
CA GLY A 92 3.32 11.62 -4.26
C GLY A 92 3.09 13.04 -3.79
N VAL A 93 3.11 13.24 -2.48
CA VAL A 93 3.01 14.57 -1.90
C VAL A 93 4.08 14.70 -0.83
N HIS A 94 4.77 15.85 -0.82
CA HIS A 94 5.87 16.05 0.12
C HIS A 94 5.87 17.44 0.70
N CYS A 95 6.50 17.54 1.88
CA CYS A 95 6.90 18.82 2.44
C CYS A 95 8.37 18.71 2.83
N ALA A 96 8.81 19.39 3.88
CA ALA A 96 10.21 19.29 4.27
C ALA A 96 10.48 17.95 4.98
N LEU A 97 9.59 17.59 5.91
CA LEU A 97 9.72 16.37 6.73
C LEU A 97 8.73 15.27 6.36
N GLY A 98 7.64 15.61 5.65
CA GLY A 98 6.62 14.65 5.31
C GLY A 98 5.53 14.39 6.34
N PHE A 99 5.40 15.25 7.35
CA PHE A 99 4.45 15.03 8.44
C PHE A 99 3.27 16.02 8.51
N GLY A 100 3.55 17.30 8.61
CA GLY A 100 2.51 18.28 8.90
C GLY A 100 1.68 18.65 7.69
N ARG A 101 2.28 19.41 6.78
CA ARG A 101 1.58 19.81 5.56
C ARG A 101 1.17 18.59 4.75
N THR A 102 2.10 17.63 4.60
CA THR A 102 1.83 16.42 3.85
C THR A 102 0.70 15.61 4.49
N GLY A 103 0.78 15.41 5.81
CA GLY A 103 -0.22 14.61 6.48
C GLY A 103 -1.63 15.20 6.39
N THR A 104 -1.70 16.54 6.41
CA THR A 104 -2.97 17.24 6.31
C THR A 104 -3.60 17.00 4.94
N MET A 105 -2.81 17.13 3.87
CA MET A 105 -3.30 16.82 2.55
C MET A 105 -3.78 15.37 2.44
N LEU A 106 -2.97 14.43 2.94
CA LEU A 106 -3.32 13.02 2.87
C LEU A 106 -4.63 12.73 3.60
N ALA A 107 -4.82 13.34 4.77
CA ALA A 107 -6.05 13.14 5.52
C ALA A 107 -7.26 13.67 4.76
N CYS A 108 -7.11 14.83 4.12
CA CYS A 108 -8.21 15.37 3.31
C CYS A 108 -8.59 14.43 2.17
N TYR A 109 -7.59 13.80 1.55
CA TYR A 109 -7.92 12.87 0.48
C TYR A 109 -8.70 11.67 1.03
N LEU A 110 -8.37 11.19 2.22
CA LEU A 110 -9.12 10.09 2.82
C LEU A 110 -10.57 10.48 3.16
N VAL A 111 -10.79 11.72 3.59
CA VAL A 111 -12.13 12.23 3.79
C VAL A 111 -12.94 11.93 2.53
N LYS A 112 -12.39 12.30 1.38
CA LYS A 112 -13.09 12.04 0.14
C LYS A 112 -13.12 10.57 -0.28
N GLU A 113 -11.97 9.92 -0.28
CA GLU A 113 -11.86 8.54 -0.78
C GLU A 113 -12.73 7.54 -0.01
N ARG A 114 -12.77 7.68 1.32
N ARG A 114 -12.78 7.69 1.31
CA ARG A 114 -13.45 6.71 2.17
CA ARG A 114 -13.43 6.72 2.18
C ARG A 114 -14.67 7.29 2.87
C ARG A 114 -14.71 7.27 2.82
N GLY A 115 -15.06 8.51 2.51
CA GLY A 115 -16.23 9.15 3.10
C GLY A 115 -16.10 9.25 4.60
N LEU A 116 -14.93 9.69 5.06
CA LEU A 116 -14.66 9.80 6.48
C LEU A 116 -14.82 11.22 6.98
N ALA A 117 -15.08 11.35 8.27
CA ALA A 117 -14.92 12.63 8.95
C ALA A 117 -13.47 12.79 9.42
N ALA A 118 -13.15 13.98 9.91
CA ALA A 118 -11.76 14.27 10.21
C ALA A 118 -11.18 13.41 11.33
N GLY A 119 -11.97 13.08 12.34
CA GLY A 119 -11.46 12.24 13.40
C GLY A 119 -10.87 10.96 12.85
N ASP A 120 -11.65 10.25 12.04
CA ASP A 120 -11.20 8.99 11.43
C ASP A 120 -10.05 9.23 10.44
N ALA A 121 -10.14 10.28 9.63
CA ALA A 121 -9.14 10.49 8.59
C ALA A 121 -7.78 10.82 9.20
N ILE A 122 -7.78 11.69 10.19
CA ILE A 122 -6.56 12.06 10.90
C ILE A 122 -6.00 10.85 11.67
N ALA A 123 -6.87 10.09 12.32
CA ALA A 123 -6.41 8.90 13.05
C ALA A 123 -5.73 7.92 12.11
N GLU A 124 -6.31 7.75 10.92
CA GLU A 124 -5.74 6.81 9.98
C GLU A 124 -4.39 7.26 9.45
N ILE A 125 -4.26 8.53 9.05
CA ILE A 125 -2.97 9.00 8.58
C ILE A 125 -1.92 8.89 9.70
N ARG A 126 -2.30 9.17 10.95
CA ARG A 126 -1.37 9.03 12.06
C ARG A 126 -0.98 7.57 12.33
N ARG A 127 -1.90 6.64 12.11
CA ARG A 127 -1.58 5.22 12.24
C ARG A 127 -0.57 4.80 11.18
N LEU A 128 -0.79 5.28 9.96
CA LEU A 128 0.08 4.94 8.84
C LEU A 128 1.45 5.61 8.93
N ARG A 129 1.42 6.88 9.38
CA ARG A 129 2.60 7.75 9.37
C ARG A 129 2.64 8.52 10.70
N PRO A 130 3.06 7.85 11.78
CA PRO A 130 3.04 8.49 13.10
C PRO A 130 3.82 9.79 13.09
N GLY A 131 3.23 10.81 13.71
CA GLY A 131 3.79 12.14 13.71
C GLY A 131 3.11 13.09 12.75
N SER A 132 2.23 12.56 11.90
CA SER A 132 1.55 13.39 10.90
C SER A 132 0.54 14.36 11.52
N ILE A 133 0.37 15.49 10.83
CA ILE A 133 -0.59 16.55 11.20
C ILE A 133 -0.14 17.19 12.52
N GLU A 134 0.66 18.26 12.40
CA GLU A 134 1.46 18.75 13.51
C GLU A 134 0.81 19.84 14.35
N THR A 135 -0.13 20.57 13.78
CA THR A 135 -0.68 21.73 14.47
C THR A 135 -2.21 21.70 14.57
N TYR A 136 -2.71 22.48 15.51
CA TYR A 136 -4.15 22.64 15.68
C TYR A 136 -4.82 23.15 14.40
N GLU A 137 -4.23 24.13 13.71
CA GLU A 137 -4.87 24.66 12.51
C GLU A 137 -4.86 23.62 11.38
N GLN A 138 -3.86 22.75 11.35
CA GLN A 138 -3.85 21.66 10.37
C GLN A 138 -5.00 20.67 10.66
N GLU A 139 -5.21 20.31 11.92
CA GLU A 139 -6.35 19.47 12.28
C GLU A 139 -7.67 20.13 11.86
N LYS A 140 -7.81 21.42 12.17
CA LYS A 140 -9.02 22.15 11.86
C LYS A 140 -9.25 22.21 10.36
N ALA A 141 -8.18 22.28 9.56
CA ALA A 141 -8.35 22.32 8.12
C ALA A 141 -9.02 21.04 7.59
N VAL A 142 -8.68 19.90 8.18
CA VAL A 142 -9.30 18.63 7.76
C VAL A 142 -10.79 18.64 8.16
N PHE A 143 -11.07 19.10 9.39
CA PHE A 143 -12.44 19.24 9.85
C PHE A 143 -13.26 20.14 8.94
N GLN A 144 -12.70 21.28 8.55
CA GLN A 144 -13.44 22.23 7.71
C GLN A 144 -13.64 21.66 6.29
N PHE A 145 -12.67 20.91 5.80
CA PHE A 145 -12.84 20.25 4.50
C PHE A 145 -14.00 19.25 4.55
N TYR A 146 -14.05 18.46 5.62
CA TYR A 146 -15.19 17.58 5.86
C TYR A 146 -16.49 18.37 5.84
N GLN A 147 -16.53 19.50 6.54
CA GLN A 147 -17.78 20.24 6.67
C GLN A 147 -18.24 20.79 5.32
N ARG A 148 -17.30 21.25 4.51
CA ARG A 148 -17.61 21.83 3.21
CA ARG A 148 -17.64 21.84 3.22
C ARG A 148 -18.12 20.78 2.21
N THR A 149 -17.64 19.55 2.36
CA THR A 149 -17.91 18.53 1.36
C THR A 149 -18.85 17.42 1.81
N LYS A 150 -19.38 17.53 3.02
CA LYS A 150 -20.23 16.47 3.58
C LYS A 150 -21.54 16.31 2.84
N MET B 1 -12.92 -16.23 21.57
CA MET B 1 -11.58 -15.58 21.49
C MET B 1 -10.81 -16.07 20.28
N GLY B 2 -10.32 -15.13 19.48
CA GLY B 2 -9.53 -15.50 18.32
C GLY B 2 -8.29 -16.29 18.73
N VAL B 3 -7.89 -17.22 17.88
CA VAL B 3 -6.65 -17.96 18.08
C VAL B 3 -5.81 -17.79 16.84
N GLN B 4 -4.55 -17.44 17.01
CA GLN B 4 -3.67 -17.18 15.89
C GLN B 4 -3.54 -18.45 15.03
N PRO B 5 -3.79 -18.34 13.72
CA PRO B 5 -3.63 -19.48 12.81
C PRO B 5 -2.15 -19.89 12.72
N PRO B 6 -1.88 -21.11 12.25
CA PRO B 6 -0.49 -21.55 12.13
C PRO B 6 0.31 -20.71 11.13
N ASN B 7 1.60 -20.55 11.41
CA ASN B 7 2.55 -19.83 10.53
C ASN B 7 2.03 -18.47 10.06
N PHE B 8 1.44 -17.74 11.00
CA PHE B 8 0.89 -16.42 10.75
C PHE B 8 1.92 -15.33 10.99
N SER B 9 2.04 -14.41 10.04
CA SER B 9 2.78 -13.18 10.28
C SER B 9 2.31 -12.07 9.33
N TRP B 10 2.48 -10.83 9.78
CA TRP B 10 2.28 -9.69 8.91
C TRP B 10 3.52 -9.48 8.05
N VAL B 11 3.31 -9.33 6.75
CA VAL B 11 4.35 -8.83 5.87
C VAL B 11 4.29 -7.31 5.81
N LEU B 12 3.10 -6.76 5.59
CA LEU B 12 2.85 -5.32 5.70
C LEU B 12 1.84 -5.13 6.82
N PRO B 13 2.30 -4.66 8.00
CA PRO B 13 1.40 -4.56 9.15
C PRO B 13 0.13 -3.77 8.84
N GLY B 14 -1.00 -4.33 9.27
CA GLY B 14 -2.28 -3.71 9.06
C GLY B 14 -2.80 -3.81 7.64
N ARG B 15 -2.07 -4.52 6.77
CA ARG B 15 -2.41 -4.57 5.34
C ARG B 15 -2.37 -5.96 4.72
N LEU B 16 -1.31 -6.72 4.99
CA LEU B 16 -1.08 -7.98 4.28
C LEU B 16 -0.36 -8.97 5.16
N ALA B 17 -1.00 -10.11 5.40
CA ALA B 17 -0.47 -11.19 6.23
C ALA B 17 -0.44 -12.49 5.45
N GLY B 18 0.54 -13.34 5.79
CA GLY B 18 0.56 -14.72 5.34
C GLY B 18 0.26 -15.70 6.45
N LEU B 19 -0.26 -16.87 6.08
CA LEU B 19 -0.56 -17.91 7.06
C LEU B 19 -0.60 -19.27 6.40
N ALA B 20 -0.46 -20.31 7.22
CA ALA B 20 -0.76 -21.66 6.81
C ALA B 20 -2.29 -21.85 6.87
N LEU B 21 -2.75 -23.09 6.80
CA LEU B 21 -4.17 -23.37 6.62
C LEU B 21 -4.97 -22.98 7.86
N PRO B 22 -5.90 -22.03 7.75
CA PRO B 22 -6.84 -21.84 8.85
C PRO B 22 -7.85 -22.99 8.82
N ARG B 23 -8.28 -23.47 9.98
CA ARG B 23 -9.12 -24.65 10.02
C ARG B 23 -10.07 -24.70 11.22
N LEU B 24 -10.04 -23.68 12.07
CA LEU B 24 -10.96 -23.57 13.20
C LEU B 24 -11.68 -22.24 13.15
N PRO B 25 -12.95 -22.21 13.62
CA PRO B 25 -13.67 -20.93 13.69
C PRO B 25 -12.82 -19.83 14.34
N ALA B 26 -12.09 -20.17 15.41
CA ALA B 26 -11.32 -19.16 16.14
C ALA B 26 -10.18 -18.56 15.30
N HIS B 27 -9.69 -19.30 14.30
CA HIS B 27 -8.66 -18.76 13.39
C HIS B 27 -9.18 -17.58 12.58
N TYR B 28 -10.41 -17.71 12.07
CA TYR B 28 -11.01 -16.65 11.28
C TYR B 28 -11.39 -15.46 12.16
N GLN B 29 -11.87 -15.73 13.37
CA GLN B 29 -12.16 -14.64 14.31
C GLN B 29 -10.90 -13.81 14.56
N PHE B 30 -9.77 -14.49 14.73
CA PHE B 30 -8.48 -13.82 14.94
C PHE B 30 -8.20 -12.85 13.77
N LEU B 31 -8.39 -13.32 12.55
CA LEU B 31 -8.18 -12.48 11.38
C LEU B 31 -9.14 -11.28 11.37
N LEU B 32 -10.42 -11.54 11.61
CA LEU B 32 -11.43 -10.49 11.64
C LEU B 32 -11.06 -9.41 12.69
N ASP B 33 -10.60 -9.86 13.86
CA ASP B 33 -10.25 -8.96 14.95
C ASP B 33 -9.14 -8.01 14.54
N LEU B 34 -8.27 -8.45 13.63
CA LEU B 34 -7.14 -7.65 13.21
C LEU B 34 -7.44 -6.79 11.98
N GLY B 35 -8.70 -6.73 11.57
CA GLY B 35 -9.10 -5.89 10.46
C GLY B 35 -9.01 -6.55 9.09
N VAL B 36 -8.72 -7.84 9.08
CA VAL B 36 -8.71 -8.58 7.82
C VAL B 36 -10.15 -8.77 7.35
N ARG B 37 -10.42 -8.40 6.09
CA ARG B 37 -11.75 -8.58 5.52
C ARG B 37 -11.73 -9.43 4.26
N HIS B 38 -10.54 -9.88 3.86
CA HIS B 38 -10.36 -10.68 2.66
C HIS B 38 -9.34 -11.75 2.94
N LEU B 39 -9.66 -12.98 2.54
CA LEU B 39 -8.73 -14.10 2.66
C LEU B 39 -8.54 -14.67 1.28
N VAL B 40 -7.31 -14.58 0.79
CA VAL B 40 -6.96 -15.16 -0.50
C VAL B 40 -6.50 -16.58 -0.22
N SER B 41 -7.18 -17.53 -0.84
CA SER B 41 -6.98 -18.94 -0.57
C SER B 41 -6.34 -19.60 -1.77
N LEU B 42 -5.15 -20.18 -1.58
CA LEU B 42 -4.36 -20.70 -2.71
C LEU B 42 -4.41 -22.23 -2.83
N THR B 43 -5.08 -22.89 -1.88
CA THR B 43 -5.16 -24.34 -1.89
C THR B 43 -6.23 -24.83 -2.88
N GLU B 44 -6.11 -26.07 -3.31
CA GLU B 44 -7.09 -26.64 -4.25
C GLU B 44 -8.47 -26.76 -3.60
N ARG B 45 -8.50 -27.19 -2.34
CA ARG B 45 -9.73 -27.25 -1.57
C ARG B 45 -9.80 -26.05 -0.63
N GLY B 46 -11.01 -25.52 -0.45
CA GLY B 46 -11.21 -24.42 0.49
C GLY B 46 -10.89 -24.83 1.91
N PRO B 47 -10.49 -23.85 2.73
CA PRO B 47 -10.11 -24.15 4.11
C PRO B 47 -11.33 -24.45 5.00
N PRO B 48 -11.18 -25.36 5.97
CA PRO B 48 -12.29 -25.73 6.85
C PRO B 48 -12.83 -24.56 7.67
N HIS B 49 -14.15 -24.51 7.84
CA HIS B 49 -14.81 -23.58 8.75
C HIS B 49 -14.83 -22.10 8.36
N SER B 50 -14.42 -21.76 7.14
CA SER B 50 -14.43 -20.34 6.75
C SER B 50 -15.83 -19.72 6.78
N ASP B 51 -16.86 -20.54 6.56
CA ASP B 51 -18.23 -20.04 6.56
C ASP B 51 -18.68 -19.61 7.95
N SER B 52 -17.92 -19.95 8.97
CA SER B 52 -18.21 -19.45 10.32
C SER B 52 -17.90 -17.96 10.45
N CYS B 53 -17.24 -17.38 9.43
CA CYS B 53 -16.87 -15.97 9.45
C CYS B 53 -17.29 -15.31 8.14
N PRO B 54 -18.59 -15.06 7.97
CA PRO B 54 -19.05 -14.48 6.71
C PRO B 54 -18.51 -13.06 6.50
N GLY B 55 -18.01 -12.43 7.55
CA GLY B 55 -17.39 -11.12 7.44
C GLY B 55 -16.12 -11.12 6.60
N LEU B 56 -15.56 -12.29 6.37
CA LEU B 56 -14.37 -12.45 5.53
C LEU B 56 -14.78 -12.88 4.13
N THR B 57 -14.38 -12.12 3.12
CA THR B 57 -14.60 -12.52 1.74
C THR B 57 -13.45 -13.44 1.35
N LEU B 58 -13.80 -14.63 0.87
CA LEU B 58 -12.85 -15.61 0.39
C LEU B 58 -12.63 -15.43 -1.11
N HIS B 59 -11.37 -15.33 -1.51
CA HIS B 59 -10.98 -15.29 -2.90
C HIS B 59 -10.15 -16.52 -3.21
N ARG B 60 -10.70 -17.43 -3.99
CA ARG B 60 -10.02 -18.68 -4.26
C ARG B 60 -9.20 -18.60 -5.55
N LEU B 61 -7.88 -18.59 -5.40
CA LEU B 61 -6.93 -18.59 -6.51
C LEU B 61 -6.16 -19.90 -6.41
N ARG B 62 -6.75 -20.97 -6.95
CA ARG B 62 -6.29 -22.32 -6.62
C ARG B 62 -5.02 -22.69 -7.38
N ILE B 63 -4.06 -23.26 -6.64
CA ILE B 63 -2.77 -23.67 -7.17
C ILE B 63 -2.38 -25.02 -6.52
N PRO B 64 -1.92 -26.01 -7.31
CA PRO B 64 -1.44 -27.25 -6.67
C PRO B 64 -0.19 -27.04 -5.81
N ASP B 65 0.02 -27.87 -4.79
CA ASP B 65 1.20 -27.73 -3.92
C ASP B 65 2.47 -27.81 -4.78
N PHE B 66 3.48 -27.02 -4.40
CA PHE B 66 4.75 -26.98 -5.10
C PHE B 66 4.66 -26.46 -6.52
N CYS B 67 3.58 -25.78 -6.87
CA CYS B 67 3.47 -25.16 -8.19
C CYS B 67 3.44 -23.65 -8.07
N PRO B 68 3.78 -22.95 -9.16
CA PRO B 68 3.70 -21.49 -9.15
C PRO B 68 2.29 -20.97 -9.40
N PRO B 69 1.95 -19.80 -8.83
CA PRO B 69 0.77 -19.07 -9.32
C PRO B 69 0.98 -18.69 -10.77
N ALA B 70 -0.11 -18.70 -11.54
CA ALA B 70 -0.10 -18.26 -12.93
C ALA B 70 -0.09 -16.74 -12.99
N PRO B 71 0.35 -16.18 -14.12
CA PRO B 71 0.43 -14.72 -14.21
C PRO B 71 -0.87 -14.01 -13.91
N ASP B 72 -1.98 -14.55 -14.39
CA ASP B 72 -3.27 -13.92 -14.15
C ASP B 72 -3.68 -14.02 -12.68
N GLN B 73 -3.28 -15.09 -12.00
CA GLN B 73 -3.57 -15.20 -10.57
C GLN B 73 -2.77 -14.17 -9.75
N ILE B 74 -1.50 -13.99 -10.10
CA ILE B 74 -0.67 -12.97 -9.45
C ILE B 74 -1.30 -11.58 -9.64
N ASP B 75 -1.69 -11.24 -10.87
CA ASP B 75 -2.30 -9.94 -11.14
C ASP B 75 -3.54 -9.74 -10.29
N ARG B 76 -4.37 -10.77 -10.21
CA ARG B 76 -5.61 -10.67 -9.45
C ARG B 76 -5.32 -10.47 -7.96
N PHE B 77 -4.36 -11.23 -7.45
CA PHE B 77 -3.95 -11.07 -6.07
C PHE B 77 -3.51 -9.63 -5.75
N VAL B 78 -2.65 -9.07 -6.59
CA VAL B 78 -2.16 -7.73 -6.37
C VAL B 78 -3.31 -6.72 -6.35
N GLN B 79 -4.26 -6.92 -7.26
CA GLN B 79 -5.42 -6.05 -7.33
C GLN B 79 -6.29 -6.15 -6.08
N ILE B 80 -6.53 -7.37 -5.61
CA ILE B 80 -7.29 -7.57 -4.38
C ILE B 80 -6.66 -6.80 -3.23
N VAL B 81 -5.35 -6.95 -3.07
CA VAL B 81 -4.67 -6.31 -1.95
C VAL B 81 -4.69 -4.78 -2.10
N ASP B 82 -4.35 -4.28 -3.27
CA ASP B 82 -4.34 -2.84 -3.51
C ASP B 82 -5.71 -2.22 -3.18
N GLU B 83 -6.77 -2.85 -3.68
CA GLU B 83 -8.10 -2.27 -3.55
C GLU B 83 -8.62 -2.39 -2.12
N ALA B 84 -8.39 -3.52 -1.48
CA ALA B 84 -8.80 -3.69 -0.09
C ALA B 84 -8.05 -2.69 0.79
N ASN B 85 -6.73 -2.58 0.60
CA ASN B 85 -5.94 -1.68 1.42
C ASN B 85 -6.38 -0.22 1.19
N ALA B 86 -6.76 0.14 -0.04
CA ALA B 86 -7.23 1.51 -0.30
C ALA B 86 -8.49 1.82 0.52
N ARG B 87 -9.32 0.80 0.76
CA ARG B 87 -10.51 0.94 1.59
C ARG B 87 -10.22 0.86 3.08
N GLY B 88 -8.97 0.62 3.45
CA GLY B 88 -8.61 0.47 4.85
C GLY B 88 -8.82 -0.93 5.40
N GLU B 89 -8.89 -1.92 4.52
CA GLU B 89 -9.08 -3.33 4.91
C GLU B 89 -7.81 -4.12 4.72
N ALA B 90 -7.52 -5.03 5.65
CA ALA B 90 -6.37 -5.91 5.52
C ALA B 90 -6.74 -7.19 4.78
N VAL B 91 -5.71 -7.86 4.25
CA VAL B 91 -5.84 -9.08 3.49
C VAL B 91 -4.92 -10.14 4.07
N GLY B 92 -5.41 -11.37 4.19
CA GLY B 92 -4.58 -12.52 4.47
C GLY B 92 -4.48 -13.40 3.25
N VAL B 93 -3.35 -14.10 3.10
CA VAL B 93 -3.20 -15.08 2.03
C VAL B 93 -2.64 -16.36 2.65
N HIS B 94 -3.21 -17.49 2.27
CA HIS B 94 -2.83 -18.76 2.87
C HIS B 94 -2.62 -19.86 1.84
N CYS B 95 -1.78 -20.82 2.20
CA CYS B 95 -1.77 -22.11 1.54
C CYS B 95 -1.89 -23.18 2.62
N ALA B 96 -1.33 -24.37 2.42
CA ALA B 96 -1.45 -25.38 3.46
C ALA B 96 -0.45 -25.16 4.59
N LEU B 97 0.80 -24.88 4.24
CA LEU B 97 1.87 -24.72 5.23
C LEU B 97 2.40 -23.28 5.35
N GLY B 98 1.98 -22.42 4.42
CA GLY B 98 2.32 -21.00 4.49
C GLY B 98 3.64 -20.59 3.87
N PHE B 99 4.32 -21.48 3.13
CA PHE B 99 5.68 -21.19 2.61
C PHE B 99 5.74 -20.94 1.11
N GLY B 100 5.29 -21.90 0.31
CA GLY B 100 5.59 -21.91 -1.10
C GLY B 100 4.69 -21.02 -1.93
N ARG B 101 3.44 -21.45 -2.05
CA ARG B 101 2.46 -20.69 -2.81
C ARG B 101 2.27 -19.29 -2.19
N THR B 102 2.12 -19.25 -0.88
CA THR B 102 1.96 -18.00 -0.17
C THR B 102 3.19 -17.09 -0.35
N GLY B 103 4.37 -17.66 -0.19
CA GLY B 103 5.59 -16.89 -0.30
C GLY B 103 5.76 -16.25 -1.67
N THR B 104 5.38 -17.00 -2.70
CA THR B 104 5.50 -16.51 -4.05
C THR B 104 4.59 -15.31 -4.30
N MET B 105 3.34 -15.42 -3.87
CA MET B 105 2.40 -14.30 -3.98
C MET B 105 2.93 -13.07 -3.22
N LEU B 106 3.40 -13.28 -1.99
CA LEU B 106 3.90 -12.18 -1.16
C LEU B 106 5.10 -11.50 -1.81
N ALA B 107 6.01 -12.27 -2.39
CA ALA B 107 7.16 -11.69 -3.06
C ALA B 107 6.74 -10.83 -4.25
N CYS B 108 5.78 -11.31 -5.04
CA CYS B 108 5.29 -10.51 -6.17
C CYS B 108 4.67 -9.21 -5.67
N TYR B 109 3.95 -9.26 -4.55
CA TYR B 109 3.37 -8.03 -4.02
C TYR B 109 4.48 -7.06 -3.64
N LEU B 110 5.58 -7.55 -3.04
CA LEU B 110 6.67 -6.66 -2.68
C LEU B 110 7.37 -6.03 -3.89
N VAL B 111 7.45 -6.77 -5.00
CA VAL B 111 7.94 -6.19 -6.24
C VAL B 111 7.15 -4.91 -6.58
N LYS B 112 5.83 -5.03 -6.53
CA LYS B 112 4.96 -3.91 -6.86
C LYS B 112 5.00 -2.80 -5.80
N GLU B 113 4.91 -3.20 -4.53
CA GLU B 113 4.83 -2.28 -3.42
C GLU B 113 6.07 -1.43 -3.23
N ARG B 114 7.23 -2.05 -3.38
CA ARG B 114 8.50 -1.45 -3.00
C ARG B 114 9.43 -1.25 -4.19
N GLY B 115 9.01 -1.70 -5.37
CA GLY B 115 9.82 -1.57 -6.57
C GLY B 115 11.05 -2.46 -6.59
N LEU B 116 11.04 -3.53 -5.81
CA LEU B 116 12.18 -4.43 -5.72
C LEU B 116 12.37 -5.28 -6.96
N ALA B 117 13.63 -5.51 -7.32
CA ALA B 117 13.95 -6.56 -8.27
C ALA B 117 13.50 -7.91 -7.71
N ALA B 118 13.26 -8.88 -8.59
CA ALA B 118 12.67 -10.13 -8.15
C ALA B 118 13.52 -10.84 -7.09
N GLY B 119 14.84 -10.89 -7.30
CA GLY B 119 15.69 -11.58 -6.36
C GLY B 119 15.67 -10.94 -4.97
N ASP B 120 15.57 -9.61 -4.93
CA ASP B 120 15.50 -8.92 -3.66
C ASP B 120 14.16 -9.15 -2.97
N ALA B 121 13.08 -9.22 -3.75
CA ALA B 121 11.76 -9.50 -3.19
C ALA B 121 11.71 -10.91 -2.60
N ILE B 122 12.24 -11.89 -3.34
CA ILE B 122 12.33 -13.25 -2.84
C ILE B 122 13.13 -13.30 -1.53
N ALA B 123 14.29 -12.63 -1.53
CA ALA B 123 15.13 -12.65 -0.35
C ALA B 123 14.42 -12.00 0.85
N GLU B 124 13.67 -10.93 0.62
CA GLU B 124 13.00 -10.27 1.72
C GLU B 124 11.87 -11.11 2.30
N ILE B 125 11.08 -11.78 1.45
CA ILE B 125 10.05 -12.67 1.97
CA ILE B 125 10.05 -12.65 1.99
C ILE B 125 10.67 -13.83 2.77
N ARG B 126 11.79 -14.35 2.29
CA ARG B 126 12.48 -15.41 3.04
C ARG B 126 13.04 -14.92 4.38
N ARG B 127 13.50 -13.68 4.43
CA ARG B 127 13.99 -13.11 5.67
C ARG B 127 12.85 -12.97 6.68
N LEU B 128 11.70 -12.49 6.21
CA LEU B 128 10.53 -12.32 7.07
C LEU B 128 9.90 -13.64 7.47
N ARG B 129 9.85 -14.57 6.52
CA ARG B 129 9.14 -15.84 6.68
C ARG B 129 10.06 -16.96 6.17
N PRO B 130 11.01 -17.37 7.01
CA PRO B 130 12.01 -18.37 6.57
C PRO B 130 11.36 -19.63 6.03
N GLY B 131 11.90 -20.16 4.93
CA GLY B 131 11.33 -21.32 4.27
C GLY B 131 10.42 -20.97 3.10
N SER B 132 10.11 -19.69 2.93
CA SER B 132 9.24 -19.26 1.84
C SER B 132 9.84 -19.57 0.47
N ILE B 133 8.96 -19.89 -0.48
CA ILE B 133 9.27 -20.10 -1.91
C ILE B 133 10.10 -21.39 -2.06
N GLU B 134 9.40 -22.45 -2.43
CA GLU B 134 9.92 -23.80 -2.24
C GLU B 134 10.42 -24.52 -3.48
N THR B 135 10.25 -23.91 -4.65
CA THR B 135 10.76 -24.50 -5.89
C THR B 135 11.36 -23.42 -6.79
N TYR B 136 12.19 -23.84 -7.74
CA TYR B 136 12.75 -22.92 -8.72
C TYR B 136 11.64 -22.24 -9.53
N GLU B 137 10.63 -23.03 -9.94
N GLU B 137 10.60 -23.01 -9.88
N GLU B 137 10.64 -23.04 -9.92
CA GLU B 137 9.54 -22.47 -10.72
CA GLU B 137 9.53 -22.47 -10.72
CA GLU B 137 9.51 -22.52 -10.70
C GLU B 137 8.79 -21.37 -9.96
C GLU B 137 8.72 -21.42 -9.97
C GLU B 137 8.79 -21.40 -9.96
N GLN B 138 8.66 -21.54 -8.65
CA GLN B 138 8.05 -20.49 -7.83
C GLN B 138 8.94 -19.23 -7.86
N GLU B 139 10.26 -19.36 -7.72
CA GLU B 139 11.13 -18.18 -7.90
C GLU B 139 10.93 -17.57 -9.28
N LYS B 140 10.92 -18.42 -10.30
CA LYS B 140 10.81 -17.94 -11.67
C LYS B 140 9.55 -17.09 -11.89
N ALA B 141 8.45 -17.46 -11.23
CA ALA B 141 7.22 -16.70 -11.35
C ALA B 141 7.41 -15.23 -10.92
N VAL B 142 8.23 -15.01 -9.89
CA VAL B 142 8.50 -13.66 -9.42
C VAL B 142 9.32 -12.90 -10.46
N PHE B 143 10.33 -13.56 -11.04
CA PHE B 143 11.11 -12.95 -12.12
C PHE B 143 10.24 -12.56 -13.32
N GLN B 144 9.31 -13.44 -13.70
CA GLN B 144 8.45 -13.16 -14.83
C GLN B 144 7.52 -11.98 -14.52
N PHE B 145 7.03 -11.94 -13.29
CA PHE B 145 6.17 -10.83 -12.87
C PHE B 145 6.92 -9.51 -12.93
N TYR B 146 8.13 -9.48 -12.40
CA TYR B 146 8.95 -8.28 -12.47
C TYR B 146 9.16 -7.82 -13.91
N GLN B 147 9.50 -8.74 -14.80
CA GLN B 147 9.80 -8.38 -16.18
C GLN B 147 8.60 -7.71 -16.86
N ARG B 148 7.40 -8.21 -16.57
CA ARG B 148 6.22 -7.73 -17.27
CA ARG B 148 6.16 -7.79 -17.19
C ARG B 148 5.62 -6.47 -16.65
N THR B 149 6.00 -6.13 -15.43
CA THR B 149 5.46 -4.94 -14.77
C THR B 149 6.47 -3.83 -14.50
N LYS B 150 7.74 -4.04 -14.80
CA LYS B 150 8.77 -3.06 -14.46
C LYS B 150 8.58 -1.73 -15.19
#